data_4U5K
#
_entry.id   4U5K
#
_cell.length_a   74.937
_cell.length_b   74.937
_cell.length_c   254.893
_cell.angle_alpha   90.00
_cell.angle_beta   90.00
_cell.angle_gamma   90.00
#
_symmetry.space_group_name_H-M   'P 43 21 2'
#
loop_
_entity.id
_entity.type
_entity.pdbx_description
1 polymer 'Endoglucanase H'
2 branched beta-D-glucopyranose-(1-4)-beta-D-glucopyranose
3 water water
#
_entity_poly.entity_id   1
_entity_poly.type   'polypeptide(L)'
_entity_poly.pdbx_seq_one_letter_code
;MGSSHHHHHHSSGLVPRGSHMASMTGGQQMGRIEGREFSSPEALAAYREAIGAGSSNPTPTPTWTSTPPSSSPKAVDPFE
MVRKMGMGTNLGNTLEAPYEGSWSKSAMEYYFDDFKAAGYKNVRIPVRWDNHTMRTYPYTIDKAFLDRVEQVVDWSLSRG
FVTIINSHHDDWIKEDYNGNIERFEKIWEQIAERFKNKSENLLFEIMNEPFGNITDEQIDDMNSRILKIIRKTNPTRIVI
IGGGYWNSYNTLVNIKIPDDPYLIGTFHYYDPYEFTHKWRGTWGTQEDMDTVVRVFDFVKSWSDRNNIPVYFGAFAVMAY
ADRTSRVKWYDFISDAALERGFACSVWDNGVFGSLDNDMAIYNRDTRTFDTEILNALFNPGTYPSYSPKPSPTPRPTKPP
VTP
;
_entity_poly.pdbx_strand_id   A,B
#
loop_
_chem_comp.id
_chem_comp.type
_chem_comp.name
_chem_comp.formula
BGC D-saccharide, beta linking beta-D-glucopyranose 'C6 H12 O6'
#
# COMPACT_ATOMS: atom_id res chain seq x y z
N PRO A 73 -12.35 30.96 9.69
CA PRO A 73 -11.66 31.02 8.38
C PRO A 73 -10.16 30.82 8.57
N LYS A 74 -9.59 31.52 9.53
CA LYS A 74 -8.17 31.40 9.81
C LYS A 74 -7.98 30.77 11.18
N ALA A 75 -7.83 29.45 11.20
CA ALA A 75 -7.61 28.72 12.43
C ALA A 75 -6.19 28.17 12.30
N VAL A 76 -5.79 27.32 13.22
CA VAL A 76 -4.47 26.74 13.14
C VAL A 76 -4.52 25.68 12.05
N ASP A 77 -3.48 25.61 11.22
CA ASP A 77 -3.48 24.62 10.15
C ASP A 77 -2.89 23.32 10.68
N PRO A 78 -3.14 22.20 9.99
CA PRO A 78 -2.62 20.89 10.40
C PRO A 78 -1.12 20.84 10.62
N PHE A 79 -0.34 21.52 9.78
CA PHE A 79 1.11 21.50 9.91
C PHE A 79 1.60 22.16 11.17
N GLU A 80 0.91 23.21 11.60
CA GLU A 80 1.29 23.91 12.82
C GLU A 80 1.00 23.00 14.00
N MET A 81 -0.12 22.30 13.93
CA MET A 81 -0.53 21.38 14.99
C MET A 81 0.44 20.23 15.14
N VAL A 82 0.73 19.57 14.03
CA VAL A 82 1.64 18.43 14.05
C VAL A 82 2.97 18.84 14.68
N ARG A 83 3.33 20.10 14.49
CA ARG A 83 4.57 20.61 15.02
C ARG A 83 4.39 20.83 16.51
N LYS A 84 3.16 21.11 16.89
CA LYS A 84 2.79 21.39 18.27
C LYS A 84 2.63 20.10 19.06
N MET A 85 1.96 19.13 18.46
CA MET A 85 1.68 17.83 19.05
C MET A 85 2.94 17.10 19.54
N GLY A 86 3.98 17.14 18.73
CA GLY A 86 5.22 16.46 19.08
C GLY A 86 5.07 15.01 19.50
N MET A 87 5.88 14.63 20.48
CA MET A 87 5.88 13.27 21.04
C MET A 87 4.88 13.23 22.21
N GLY A 88 3.96 12.27 22.18
CA GLY A 88 3.00 12.18 23.26
C GLY A 88 2.75 10.76 23.70
N THR A 89 1.68 10.55 24.44
CA THR A 89 1.37 9.21 24.90
C THR A 89 -0.09 8.84 24.74
N ASN A 90 -0.36 7.55 24.84
CA ASN A 90 -1.70 7.04 24.72
C ASN A 90 -2.21 6.71 26.11
N LEU A 91 -3.50 6.92 26.33
CA LEU A 91 -4.10 6.55 27.58
C LEU A 91 -4.73 5.20 27.25
N GLY A 92 -3.87 4.25 26.86
CA GLY A 92 -4.30 2.93 26.49
C GLY A 92 -5.17 2.15 27.47
N ASN A 93 -5.84 1.14 26.92
CA ASN A 93 -6.74 0.23 27.64
C ASN A 93 -7.55 0.87 28.75
N THR A 94 -8.10 2.03 28.46
CA THR A 94 -8.90 2.73 29.45
C THR A 94 -10.31 2.92 28.94
N LEU A 95 -10.58 4.07 28.32
CA LEU A 95 -11.91 4.32 27.83
C LEU A 95 -12.24 3.53 26.56
N GLU A 96 -11.27 2.83 25.98
CA GLU A 96 -11.59 2.05 24.80
C GLU A 96 -11.86 0.62 25.23
N ALA A 97 -11.82 0.38 26.52
CA ALA A 97 -12.10 -0.95 27.03
C ALA A 97 -13.62 -1.06 26.96
N PRO A 98 -14.16 -2.27 27.10
CA PRO A 98 -15.62 -2.41 27.03
C PRO A 98 -16.32 -1.44 28.00
N TYR A 99 -15.71 -1.29 29.18
CA TYR A 99 -16.22 -0.38 30.21
C TYR A 99 -14.97 0.13 30.91
N GLU A 100 -14.90 1.44 31.10
CA GLU A 100 -13.72 2.02 31.72
C GLU A 100 -13.35 1.32 33.02
N GLY A 101 -12.10 0.87 33.11
CA GLY A 101 -11.62 0.21 34.30
C GLY A 101 -11.59 -1.30 34.20
N SER A 102 -12.43 -1.86 33.34
CA SER A 102 -12.48 -3.30 33.18
C SER A 102 -11.13 -3.85 32.71
N TRP A 103 -10.25 -2.96 32.29
CA TRP A 103 -8.90 -3.36 31.86
C TRP A 103 -7.87 -2.69 32.75
N SER A 104 -7.25 -1.62 32.25
CA SER A 104 -6.26 -0.91 33.04
C SER A 104 -6.98 0.11 33.91
N LYS A 105 -6.29 0.62 34.93
CA LYS A 105 -6.93 1.56 35.83
C LYS A 105 -7.57 2.73 35.11
N SER A 106 -8.66 3.21 35.68
CA SER A 106 -9.43 4.32 35.12
C SER A 106 -8.62 5.61 35.09
N ALA A 107 -9.13 6.57 34.34
CA ALA A 107 -8.49 7.87 34.19
C ALA A 107 -8.59 8.69 35.47
N MET A 108 -7.45 9.18 35.92
CA MET A 108 -7.38 10.00 37.12
C MET A 108 -6.70 11.27 36.66
N GLU A 109 -7.09 12.40 37.22
CA GLU A 109 -6.50 13.67 36.82
C GLU A 109 -5.00 13.78 37.07
N TYR A 110 -4.46 12.96 37.95
CA TYR A 110 -3.02 13.05 38.21
C TYR A 110 -2.20 12.42 37.09
N TYR A 111 -2.83 11.55 36.31
CA TYR A 111 -2.15 10.90 35.20
C TYR A 111 -1.55 11.99 34.33
N PHE A 112 -2.38 13.00 34.07
CA PHE A 112 -2.01 14.14 33.23
C PHE A 112 -0.97 15.05 33.85
N ASP A 113 -0.96 15.15 35.18
CA ASP A 113 0.03 15.99 35.84
C ASP A 113 1.38 15.35 35.60
N ASP A 114 1.41 14.03 35.72
CA ASP A 114 2.63 13.29 35.52
C ASP A 114 3.08 13.29 34.06
N PHE A 115 2.14 13.10 33.13
CA PHE A 115 2.51 13.11 31.73
C PHE A 115 3.14 14.47 31.40
N LYS A 116 2.57 15.53 31.96
CA LYS A 116 3.09 16.85 31.72
C LYS A 116 4.48 16.97 32.30
N ALA A 117 4.68 16.44 33.50
CA ALA A 117 5.99 16.51 34.13
C ALA A 117 6.95 15.69 33.30
N ALA A 118 6.44 14.58 32.75
CA ALA A 118 7.24 13.67 31.93
C ALA A 118 7.73 14.26 30.61
N GLY A 119 6.96 15.17 30.02
CA GLY A 119 7.39 15.77 28.77
C GLY A 119 6.45 15.55 27.60
N TYR A 120 5.58 14.55 27.70
CA TYR A 120 4.63 14.29 26.63
C TYR A 120 4.01 15.62 26.25
N LYS A 121 3.70 15.80 24.97
CA LYS A 121 3.10 17.05 24.54
C LYS A 121 1.73 16.84 23.93
N ASN A 122 1.29 15.58 23.91
CA ASN A 122 -0.02 15.24 23.39
C ASN A 122 -0.49 13.98 24.09
N VAL A 123 -1.79 13.79 24.17
CA VAL A 123 -2.35 12.62 24.81
C VAL A 123 -3.54 12.13 23.99
N ARG A 124 -3.39 10.94 23.43
CA ARG A 124 -4.44 10.33 22.63
C ARG A 124 -5.32 9.55 23.59
N ILE A 125 -6.63 9.74 23.50
CA ILE A 125 -7.54 9.04 24.40
C ILE A 125 -8.50 8.15 23.63
N PRO A 126 -8.14 6.88 23.44
CA PRO A 126 -9.01 5.95 22.72
C PRO A 126 -10.33 5.91 23.47
N VAL A 127 -11.41 5.63 22.75
CA VAL A 127 -12.75 5.56 23.37
C VAL A 127 -13.69 4.65 22.59
N ARG A 128 -14.19 3.60 23.25
CA ARG A 128 -15.14 2.71 22.60
C ARG A 128 -16.54 3.16 23.03
N TRP A 129 -17.33 3.64 22.07
CA TRP A 129 -18.66 4.15 22.39
C TRP A 129 -19.74 3.08 22.39
N ASP A 130 -19.43 1.93 21.81
CA ASP A 130 -20.38 0.84 21.73
C ASP A 130 -21.30 0.65 22.94
N ASN A 131 -20.73 0.47 24.13
CA ASN A 131 -21.56 0.20 25.30
C ASN A 131 -22.06 1.38 26.10
N HIS A 132 -22.03 2.56 25.50
CA HIS A 132 -22.50 3.76 26.17
C HIS A 132 -23.48 4.40 25.19
N THR A 133 -23.81 3.64 24.15
CA THR A 133 -24.72 4.10 23.12
C THR A 133 -25.77 3.04 22.90
N MET A 134 -27.00 3.48 22.70
CA MET A 134 -28.10 2.54 22.46
C MET A 134 -27.79 1.77 21.19
N ARG A 135 -28.22 0.51 21.17
CA ARG A 135 -27.98 -0.35 20.03
C ARG A 135 -29.08 -0.13 19.00
N THR A 136 -30.06 0.68 19.39
CA THR A 136 -31.18 0.97 18.52
C THR A 136 -31.32 2.47 18.36
N TYR A 137 -32.00 2.88 17.29
CA TYR A 137 -32.25 4.29 17.03
C TYR A 137 -32.92 4.86 18.28
N PRO A 138 -32.64 6.13 18.61
CA PRO A 138 -31.77 7.09 17.93
C PRO A 138 -30.29 6.97 18.28
N TYR A 139 -29.88 5.80 18.74
CA TYR A 139 -28.49 5.55 19.10
C TYR A 139 -27.90 6.64 19.97
N THR A 140 -28.64 7.05 21.00
CA THR A 140 -28.17 8.10 21.90
C THR A 140 -27.03 7.59 22.76
N ILE A 141 -26.12 8.48 23.09
CA ILE A 141 -24.98 8.16 23.94
C ILE A 141 -25.34 8.55 25.37
N ASP A 142 -25.08 7.65 26.31
CA ASP A 142 -25.37 7.92 27.72
C ASP A 142 -24.91 9.32 28.10
N LYS A 143 -25.82 10.09 28.69
CA LYS A 143 -25.53 11.44 29.12
C LYS A 143 -24.31 11.37 30.03
N ALA A 144 -24.34 10.43 30.96
CA ALA A 144 -23.24 10.27 31.90
C ALA A 144 -21.92 9.97 31.22
N PHE A 145 -21.92 9.02 30.28
CA PHE A 145 -20.66 8.69 29.61
C PHE A 145 -20.08 9.90 28.90
N LEU A 146 -20.92 10.68 28.25
CA LEU A 146 -20.44 11.88 27.58
C LEU A 146 -19.82 12.83 28.61
N ASP A 147 -20.49 12.96 29.76
CA ASP A 147 -19.98 13.82 30.84
C ASP A 147 -18.59 13.37 31.25
N ARG A 148 -18.42 12.06 31.39
CA ARG A 148 -17.18 11.45 31.79
C ARG A 148 -16.04 11.73 30.80
N VAL A 149 -16.30 11.50 29.52
CA VAL A 149 -15.29 11.73 28.50
C VAL A 149 -14.88 13.19 28.45
N GLU A 150 -15.83 14.07 28.71
CA GLU A 150 -15.52 15.49 28.67
C GLU A 150 -14.64 15.87 29.87
N GLN A 151 -14.92 15.27 31.01
CA GLN A 151 -14.16 15.53 32.21
C GLN A 151 -12.68 15.20 31.97
N VAL A 152 -12.43 14.03 31.38
CA VAL A 152 -11.07 13.60 31.07
C VAL A 152 -10.42 14.53 30.05
N VAL A 153 -11.16 14.88 29.00
CA VAL A 153 -10.64 15.75 27.96
C VAL A 153 -10.24 17.09 28.56
N ASP A 154 -11.11 17.68 29.36
CA ASP A 154 -10.81 18.96 30.00
C ASP A 154 -9.58 18.88 30.88
N TRP A 155 -9.37 17.74 31.54
CA TRP A 155 -8.18 17.60 32.36
C TRP A 155 -6.98 17.71 31.45
N SER A 156 -7.07 17.05 30.30
CA SER A 156 -5.98 17.07 29.35
C SER A 156 -5.78 18.42 28.68
N LEU A 157 -6.87 19.05 28.26
CA LEU A 157 -6.77 20.34 27.61
C LEU A 157 -6.27 21.41 28.56
N SER A 158 -6.72 21.36 29.81
CA SER A 158 -6.31 22.35 30.79
C SER A 158 -4.82 22.33 31.02
N ARG A 159 -4.19 21.18 30.78
CA ARG A 159 -2.75 21.05 30.98
C ARG A 159 -1.94 21.42 29.74
N GLY A 160 -2.61 21.95 28.72
CA GLY A 160 -1.91 22.34 27.51
C GLY A 160 -1.60 21.23 26.51
N PHE A 161 -2.16 20.03 26.72
CA PHE A 161 -1.92 18.92 25.81
C PHE A 161 -2.77 18.97 24.54
N VAL A 162 -2.16 18.69 23.40
CA VAL A 162 -2.98 18.59 22.20
C VAL A 162 -3.64 17.25 22.54
N THR A 163 -4.97 17.24 22.62
CA THR A 163 -5.72 16.04 22.97
C THR A 163 -6.47 15.42 21.79
N ILE A 164 -6.45 14.10 21.72
CA ILE A 164 -7.12 13.37 20.65
C ILE A 164 -8.11 12.33 21.16
N ILE A 165 -9.37 12.44 20.75
CA ILE A 165 -10.36 11.45 21.12
C ILE A 165 -10.75 10.77 19.81
N ASN A 166 -11.30 9.57 19.89
CA ASN A 166 -11.67 8.86 18.68
C ASN A 166 -12.71 7.80 18.94
N SER A 167 -12.73 6.84 18.02
CA SER A 167 -13.58 5.67 18.12
C SER A 167 -12.54 4.57 18.05
N HIS A 168 -12.52 3.73 19.08
CA HIS A 168 -11.56 2.64 19.18
C HIS A 168 -12.31 1.35 19.53
N HIS A 169 -11.97 0.26 18.85
CA HIS A 169 -12.61 -1.04 19.12
C HIS A 169 -14.12 -1.11 18.89
N ASP A 170 -14.67 -0.11 18.21
CA ASP A 170 -16.09 -0.15 17.89
C ASP A 170 -16.18 -0.96 16.60
N ASP A 171 -15.70 -2.20 16.68
CA ASP A 171 -15.68 -3.10 15.54
C ASP A 171 -17.04 -3.38 14.91
N TRP A 172 -18.10 -3.34 15.72
CA TRP A 172 -19.43 -3.58 15.18
C TRP A 172 -19.64 -2.86 13.85
N ILE A 173 -19.00 -1.70 13.69
CA ILE A 173 -19.12 -0.94 12.46
C ILE A 173 -18.48 -1.64 11.27
N LYS A 174 -17.62 -2.61 11.53
CA LYS A 174 -16.95 -3.34 10.46
C LYS A 174 -17.58 -4.69 10.22
N GLU A 175 -18.45 -5.10 11.13
CA GLU A 175 -19.12 -6.38 11.01
C GLU A 175 -20.36 -6.20 10.14
N ASP A 176 -20.60 -4.96 9.78
CA ASP A 176 -21.72 -4.57 8.95
C ASP A 176 -21.22 -3.18 8.63
N TYR A 177 -22.01 -2.38 7.94
CA TYR A 177 -21.57 -1.04 7.62
C TYR A 177 -22.82 -0.40 7.07
N ASN A 178 -23.46 -1.11 6.16
CA ASN A 178 -24.71 -0.62 5.61
C ASN A 178 -25.62 -0.60 6.83
N GLY A 179 -25.50 -1.65 7.64
CA GLY A 179 -26.34 -1.75 8.81
C GLY A 179 -26.05 -0.87 10.01
N ASN A 180 -24.79 -0.56 10.25
CA ASN A 180 -24.43 0.24 11.41
C ASN A 180 -23.87 1.63 11.13
N ILE A 181 -23.71 1.99 9.87
CA ILE A 181 -23.14 3.30 9.57
C ILE A 181 -23.93 4.47 10.17
N GLU A 182 -25.24 4.33 10.25
CA GLU A 182 -26.08 5.38 10.81
C GLU A 182 -25.79 5.53 12.31
N ARG A 183 -25.69 4.40 13.00
CA ARG A 183 -25.40 4.41 14.43
C ARG A 183 -24.05 5.08 14.63
N PHE A 184 -23.13 4.79 13.72
CA PHE A 184 -21.80 5.36 13.81
C PHE A 184 -21.89 6.86 13.56
N GLU A 185 -22.77 7.27 12.65
CA GLU A 185 -22.92 8.70 12.36
C GLU A 185 -23.54 9.42 13.54
N LYS A 186 -24.58 8.83 14.13
CA LYS A 186 -25.22 9.46 15.26
C LYS A 186 -24.22 9.67 16.37
N ILE A 187 -23.38 8.67 16.61
CA ILE A 187 -22.38 8.78 17.64
C ILE A 187 -21.46 9.96 17.34
N TRP A 188 -20.92 10.02 16.13
CA TRP A 188 -20.08 11.14 15.78
C TRP A 188 -20.84 12.44 15.76
N GLU A 189 -22.14 12.37 15.48
CA GLU A 189 -22.95 13.57 15.47
C GLU A 189 -22.98 14.13 16.88
N GLN A 190 -23.24 13.27 17.86
CA GLN A 190 -23.31 13.69 19.26
C GLN A 190 -21.96 14.10 19.87
N ILE A 191 -20.87 13.48 19.41
CA ILE A 191 -19.54 13.83 19.92
C ILE A 191 -19.20 15.24 19.46
N ALA A 192 -19.40 15.49 18.16
CA ALA A 192 -19.11 16.78 17.56
C ALA A 192 -19.88 17.90 18.24
N GLU A 193 -21.16 17.66 18.51
CA GLU A 193 -21.99 18.66 19.15
C GLU A 193 -21.43 19.01 20.54
N ARG A 194 -21.39 18.02 21.41
CA ARG A 194 -20.88 18.21 22.77
C ARG A 194 -19.52 18.89 22.88
N PHE A 195 -18.60 18.59 21.96
CA PHE A 195 -17.28 19.21 22.02
C PHE A 195 -17.05 20.36 21.05
N LYS A 196 -18.09 20.78 20.34
CA LYS A 196 -17.95 21.85 19.36
C LYS A 196 -17.19 23.11 19.81
N ASN A 197 -17.35 23.52 21.06
CA ASN A 197 -16.67 24.72 21.52
C ASN A 197 -15.29 24.50 22.14
N LYS A 198 -14.84 23.25 22.13
CA LYS A 198 -13.54 22.89 22.69
C LYS A 198 -12.38 23.58 21.99
N SER A 199 -11.28 23.70 22.72
CA SER A 199 -10.06 24.32 22.20
C SER A 199 -9.58 23.66 20.91
N GLU A 200 -8.79 24.39 20.14
CA GLU A 200 -8.25 23.90 18.87
C GLU A 200 -7.36 22.67 19.10
N ASN A 201 -6.95 22.49 20.35
CA ASN A 201 -6.06 21.39 20.69
C ASN A 201 -6.73 20.02 20.87
N LEU A 202 -8.05 19.98 20.68
CA LEU A 202 -8.80 18.74 20.76
C LEU A 202 -9.05 18.27 19.33
N LEU A 203 -8.47 17.12 18.97
CA LEU A 203 -8.63 16.63 17.61
C LEU A 203 -9.57 15.43 17.56
N PHE A 204 -10.31 15.33 16.46
CA PHE A 204 -11.23 14.22 16.26
C PHE A 204 -10.61 13.18 15.34
N GLU A 205 -10.48 11.96 15.82
CA GLU A 205 -9.94 10.86 15.04
C GLU A 205 -11.11 9.94 14.73
N ILE A 206 -11.58 10.00 13.48
CA ILE A 206 -12.73 9.22 13.04
C ILE A 206 -12.74 7.76 13.55
N MET A 207 -11.75 6.98 13.17
CA MET A 207 -11.71 5.59 13.64
C MET A 207 -10.27 5.09 13.77
N ASN A 208 -10.00 4.42 14.88
CA ASN A 208 -8.67 3.90 15.18
C ASN A 208 -7.94 3.18 14.05
N GLU A 209 -8.45 2.03 13.64
CA GLU A 209 -7.82 1.27 12.60
C GLU A 209 -8.83 0.85 11.55
N PRO A 210 -9.10 1.75 10.59
CA PRO A 210 -10.03 1.64 9.47
C PRO A 210 -9.81 0.43 8.57
N PHE A 211 -8.54 0.17 8.27
CA PHE A 211 -8.16 -0.91 7.38
C PHE A 211 -8.38 -2.32 7.94
N GLY A 212 -8.87 -3.22 7.08
CA GLY A 212 -9.11 -4.59 7.48
C GLY A 212 -10.57 -4.88 7.78
N ASN A 213 -11.14 -5.85 7.07
CA ASN A 213 -12.53 -6.25 7.26
C ASN A 213 -13.53 -5.29 6.65
N ILE A 214 -13.06 -4.36 5.82
CA ILE A 214 -13.92 -3.37 5.20
C ILE A 214 -13.32 -2.87 3.90
N THR A 215 -14.13 -2.82 2.84
CA THR A 215 -13.65 -2.38 1.54
C THR A 215 -13.15 -0.95 1.58
N ASP A 216 -12.32 -0.60 0.60
CA ASP A 216 -11.73 0.73 0.50
C ASP A 216 -12.80 1.75 0.20
N GLU A 217 -13.80 1.34 -0.57
CA GLU A 217 -14.89 2.24 -0.93
C GLU A 217 -15.63 2.67 0.33
N GLN A 218 -15.83 1.71 1.24
CA GLN A 218 -16.51 1.98 2.51
C GLN A 218 -15.65 2.84 3.45
N ILE A 219 -14.34 2.61 3.47
CA ILE A 219 -13.46 3.39 4.32
C ILE A 219 -13.49 4.84 3.88
N ASP A 220 -13.58 5.04 2.57
CA ASP A 220 -13.62 6.37 1.98
C ASP A 220 -14.98 7.00 2.25
N ASP A 221 -16.03 6.20 2.09
CA ASP A 221 -17.39 6.67 2.32
C ASP A 221 -17.49 7.20 3.75
N MET A 222 -17.04 6.38 4.69
CA MET A 222 -17.07 6.71 6.10
C MET A 222 -16.39 8.03 6.44
N ASN A 223 -15.18 8.22 5.95
CA ASN A 223 -14.47 9.45 6.25
C ASN A 223 -15.21 10.67 5.74
N SER A 224 -15.67 10.61 4.50
CA SER A 224 -16.39 11.73 3.92
C SER A 224 -17.61 12.10 4.73
N ARG A 225 -18.43 11.11 5.07
CA ARG A 225 -19.63 11.41 5.83
C ARG A 225 -19.42 11.81 7.28
N ILE A 226 -18.43 11.23 7.96
CA ILE A 226 -18.21 11.60 9.34
C ILE A 226 -17.58 13.00 9.34
N LEU A 227 -16.71 13.27 8.37
CA LEU A 227 -16.08 14.58 8.28
C LEU A 227 -17.16 15.62 8.04
N LYS A 228 -18.06 15.30 7.12
CA LYS A 228 -19.16 16.18 6.77
C LYS A 228 -19.99 16.47 8.02
N ILE A 229 -20.26 15.45 8.80
CA ILE A 229 -21.03 15.63 10.02
C ILE A 229 -20.27 16.56 10.97
N ILE A 230 -19.00 16.26 11.19
CA ILE A 230 -18.15 17.06 12.07
C ILE A 230 -18.10 18.52 11.67
N ARG A 231 -17.93 18.78 10.38
CA ARG A 231 -17.84 20.14 9.87
C ARG A 231 -19.07 21.02 10.11
N LYS A 232 -20.25 20.40 10.19
CA LYS A 232 -21.46 21.18 10.45
C LYS A 232 -21.33 22.00 11.74
N THR A 233 -20.77 21.38 12.78
CA THR A 233 -20.60 22.04 14.08
C THR A 233 -19.15 22.42 14.42
N ASN A 234 -18.19 21.85 13.70
CA ASN A 234 -16.78 22.17 13.92
C ASN A 234 -16.21 22.48 12.55
N PRO A 235 -16.35 23.72 12.10
CA PRO A 235 -15.85 24.13 10.78
C PRO A 235 -14.34 24.09 10.58
N THR A 236 -13.56 24.24 11.65
CA THR A 236 -12.12 24.26 11.48
C THR A 236 -11.32 23.27 12.31
N ARG A 237 -12.01 22.51 13.16
CA ARG A 237 -11.35 21.54 14.01
C ARG A 237 -10.65 20.48 13.15
N ILE A 238 -9.38 20.22 13.45
CA ILE A 238 -8.59 19.26 12.70
C ILE A 238 -9.06 17.82 12.94
N VAL A 239 -9.23 17.10 11.84
CA VAL A 239 -9.70 15.74 11.89
C VAL A 239 -8.60 14.83 11.39
N ILE A 240 -8.52 13.64 11.97
CA ILE A 240 -7.51 12.68 11.61
C ILE A 240 -8.13 11.45 10.92
N ILE A 241 -7.72 11.20 9.69
CA ILE A 241 -8.24 10.03 8.97
C ILE A 241 -7.03 9.19 8.63
N GLY A 242 -7.22 7.88 8.56
CA GLY A 242 -6.10 7.02 8.23
C GLY A 242 -5.56 7.37 6.86
N GLY A 243 -4.24 7.47 6.75
CA GLY A 243 -3.62 7.77 5.48
C GLY A 243 -3.10 6.47 4.89
N GLY A 244 -2.99 5.47 5.74
CA GLY A 244 -2.52 4.18 5.32
C GLY A 244 -1.93 3.37 6.47
N TYR A 245 -1.29 2.27 6.13
CA TYR A 245 -0.67 1.42 7.14
C TYR A 245 0.63 0.85 6.57
N TRP A 246 1.36 0.11 7.40
CA TRP A 246 2.62 -0.49 6.96
C TRP A 246 2.86 -1.79 7.73
N ASN A 247 3.74 -2.62 7.18
CA ASN A 247 4.13 -3.88 7.79
C ASN A 247 5.52 -4.23 7.23
N SER A 248 6.06 -5.38 7.60
CA SER A 248 7.40 -5.74 7.13
C SER A 248 7.50 -5.89 5.61
N TYR A 249 6.39 -6.21 4.96
CA TYR A 249 6.40 -6.41 3.52
C TYR A 249 6.01 -5.22 2.64
N ASN A 250 5.02 -4.43 3.04
CA ASN A 250 4.63 -3.30 2.22
C ASN A 250 4.01 -2.13 2.97
N THR A 251 3.85 -1.02 2.26
CA THR A 251 3.24 0.19 2.82
C THR A 251 2.10 0.56 1.88
N LEU A 252 0.99 0.99 2.45
CA LEU A 252 -0.15 1.40 1.65
C LEU A 252 -0.59 2.78 2.09
N VAL A 253 -0.72 3.69 1.13
CA VAL A 253 -1.14 5.06 1.40
C VAL A 253 -2.40 5.39 0.61
N ASN A 254 -3.20 6.32 1.13
CA ASN A 254 -4.42 6.72 0.44
C ASN A 254 -4.14 7.73 -0.67
N ILE A 255 -4.87 7.59 -1.77
CA ILE A 255 -4.74 8.52 -2.88
C ILE A 255 -5.89 9.49 -2.76
N LYS A 256 -7.07 8.92 -2.57
CA LYS A 256 -8.29 9.71 -2.45
C LYS A 256 -8.43 10.28 -1.05
N ILE A 257 -8.10 11.56 -0.92
CA ILE A 257 -8.18 12.27 0.35
C ILE A 257 -9.23 13.36 0.21
N PRO A 258 -10.07 13.53 1.25
CA PRO A 258 -11.12 14.55 1.17
C PRO A 258 -10.56 15.95 0.97
N ASP A 259 -11.34 16.76 0.27
CA ASP A 259 -10.96 18.14 -0.01
C ASP A 259 -11.31 18.99 1.20
N ASP A 260 -10.36 19.08 2.13
CA ASP A 260 -10.57 19.86 3.34
C ASP A 260 -9.21 20.32 3.82
N PRO A 261 -9.11 21.57 4.29
CA PRO A 261 -7.86 22.14 4.79
C PRO A 261 -7.45 21.78 6.21
N TYR A 262 -8.30 21.07 6.93
CA TYR A 262 -7.99 20.72 8.32
C TYR A 262 -7.93 19.22 8.59
N LEU A 263 -7.00 18.54 7.94
CA LEU A 263 -6.84 17.10 8.10
C LEU A 263 -5.42 16.67 8.37
N ILE A 264 -5.28 15.69 9.25
CA ILE A 264 -3.99 15.11 9.57
C ILE A 264 -4.15 13.64 9.19
N GLY A 265 -3.11 13.05 8.61
CA GLY A 265 -3.17 11.64 8.23
C GLY A 265 -2.45 10.76 9.24
N THR A 266 -3.04 9.62 9.55
CA THR A 266 -2.41 8.74 10.53
C THR A 266 -2.15 7.32 10.01
N PHE A 267 -1.03 6.75 10.43
CA PHE A 267 -0.62 5.41 10.04
C PHE A 267 -0.34 4.56 11.27
N HIS A 268 -0.62 3.27 11.13
CA HIS A 268 -0.41 2.30 12.21
C HIS A 268 0.14 1.05 11.55
N TYR A 269 0.71 0.16 12.33
CA TYR A 269 1.23 -1.07 11.75
C TYR A 269 0.04 -1.99 11.46
N TYR A 270 -0.03 -2.48 10.23
CA TYR A 270 -1.12 -3.37 9.86
C TYR A 270 -0.70 -4.39 8.81
N ASP A 271 -1.01 -5.65 9.10
CA ASP A 271 -0.70 -6.77 8.23
C ASP A 271 -1.94 -7.66 8.08
N PRO A 272 -2.68 -7.50 6.97
CA PRO A 272 -3.89 -8.29 6.74
C PRO A 272 -3.68 -9.81 6.82
N TYR A 273 -2.45 -10.26 6.58
CA TYR A 273 -2.13 -11.68 6.62
C TYR A 273 -1.43 -12.01 7.91
N GLU A 274 -1.60 -11.16 8.92
CA GLU A 274 -0.95 -11.35 10.20
C GLU A 274 -1.16 -12.75 10.77
N PHE A 275 -2.40 -13.21 10.79
CA PHE A 275 -2.72 -14.53 11.34
C PHE A 275 -2.39 -15.66 10.36
N THR A 276 -1.21 -15.57 9.73
CA THR A 276 -0.77 -16.57 8.77
C THR A 276 0.75 -16.73 8.79
N HIS A 277 1.45 -15.61 8.91
CA HIS A 277 2.91 -15.60 8.94
C HIS A 277 3.55 -16.73 9.74
N LYS A 278 4.63 -17.28 9.19
CA LYS A 278 5.38 -18.35 9.83
C LYS A 278 6.18 -17.74 10.99
N TRP A 279 6.14 -16.41 11.03
CA TRP A 279 6.79 -15.57 12.02
C TRP A 279 8.32 -15.56 12.14
N ARG A 280 8.78 -14.65 12.98
CA ARG A 280 10.21 -14.40 13.20
C ARG A 280 10.73 -14.50 14.63
N GLY A 281 10.04 -13.85 15.56
CA GLY A 281 10.48 -13.87 16.95
C GLY A 281 10.65 -12.44 17.44
N THR A 282 9.62 -11.63 17.20
CA THR A 282 9.56 -10.23 17.60
C THR A 282 10.61 -9.28 17.00
N TRP A 283 10.34 -7.99 17.16
CA TRP A 283 11.16 -6.90 16.62
C TRP A 283 12.42 -6.38 17.29
N GLY A 284 13.15 -5.54 16.57
CA GLY A 284 14.37 -4.95 17.09
C GLY A 284 15.62 -4.99 16.22
N THR A 285 15.69 -5.90 15.26
CA THR A 285 16.87 -6.02 14.41
C THR A 285 17.20 -4.80 13.57
N GLN A 286 18.36 -4.83 12.93
CA GLN A 286 18.80 -3.75 12.07
C GLN A 286 17.89 -3.76 10.84
N GLU A 287 17.55 -4.95 10.35
CA GLU A 287 16.67 -5.07 9.20
C GLU A 287 15.32 -4.41 9.45
N ASP A 288 14.81 -4.52 10.68
CA ASP A 288 13.53 -3.90 11.01
C ASP A 288 13.67 -2.39 10.95
N MET A 289 14.80 -1.88 11.40
CA MET A 289 15.05 -0.46 11.40
C MET A 289 15.12 0.01 9.96
N ASP A 290 15.77 -0.79 9.13
CA ASP A 290 15.91 -0.46 7.72
C ASP A 290 14.50 -0.38 7.14
N THR A 291 13.66 -1.31 7.56
CA THR A 291 12.26 -1.38 7.11
C THR A 291 11.45 -0.16 7.48
N VAL A 292 11.61 0.32 8.70
CA VAL A 292 10.87 1.48 9.16
C VAL A 292 11.30 2.78 8.48
N VAL A 293 12.59 3.00 8.31
CA VAL A 293 13.02 4.24 7.66
C VAL A 293 12.44 4.23 6.26
N ARG A 294 12.38 3.04 5.67
CA ARG A 294 11.83 2.90 4.33
C ARG A 294 10.43 3.45 4.39
N VAL A 295 9.61 2.82 5.24
CA VAL A 295 8.22 3.21 5.43
C VAL A 295 8.09 4.71 5.73
N PHE A 296 8.88 5.18 6.69
CA PHE A 296 8.85 6.58 7.08
C PHE A 296 9.16 7.51 5.94
N ASP A 297 10.09 7.10 5.08
CA ASP A 297 10.44 7.93 3.95
C ASP A 297 9.33 8.02 2.91
N PHE A 298 8.60 6.92 2.71
CA PHE A 298 7.51 6.92 1.74
C PHE A 298 6.35 7.75 2.26
N VAL A 299 6.03 7.59 3.53
CA VAL A 299 4.97 8.36 4.16
C VAL A 299 5.34 9.83 4.01
N LYS A 300 6.63 10.12 4.17
CA LYS A 300 7.13 11.47 4.08
C LYS A 300 6.79 12.04 2.71
N SER A 301 7.12 11.29 1.66
CA SER A 301 6.86 11.71 0.28
C SER A 301 5.37 11.87 0.10
N TRP A 302 4.62 10.96 0.71
CA TRP A 302 3.17 11.00 0.64
C TRP A 302 2.73 12.33 1.22
N SER A 303 3.18 12.58 2.45
CA SER A 303 2.88 13.79 3.19
C SER A 303 3.17 15.04 2.38
N ASP A 304 4.36 15.12 1.80
CA ASP A 304 4.73 16.27 1.01
C ASP A 304 3.92 16.39 -0.27
N ARG A 305 3.72 15.28 -0.96
CA ARG A 305 2.96 15.34 -2.20
C ARG A 305 1.50 15.71 -1.99
N ASN A 306 0.90 15.18 -0.93
CA ASN A 306 -0.49 15.47 -0.64
C ASN A 306 -0.68 16.69 0.23
N ASN A 307 0.42 17.19 0.79
CA ASN A 307 0.34 18.38 1.63
C ASN A 307 -0.51 18.09 2.88
N ILE A 308 -0.32 16.92 3.47
CA ILE A 308 -1.04 16.51 4.68
C ILE A 308 -0.05 15.99 5.71
N PRO A 309 0.00 16.61 6.91
CA PRO A 309 0.92 16.18 7.96
C PRO A 309 0.67 14.75 8.45
N VAL A 310 1.69 14.16 9.05
CA VAL A 310 1.61 12.77 9.51
C VAL A 310 1.65 12.60 11.02
N TYR A 311 0.89 11.61 11.49
CA TYR A 311 0.81 11.29 12.91
C TYR A 311 0.71 9.78 13.15
N PHE A 312 1.67 9.25 13.89
CA PHE A 312 1.65 7.84 14.23
C PHE A 312 1.02 7.73 15.61
N GLY A 313 -0.29 7.54 15.61
CA GLY A 313 -1.08 7.45 16.83
C GLY A 313 -0.60 6.54 17.94
N ALA A 314 -0.07 5.38 17.59
CA ALA A 314 0.40 4.43 18.60
C ALA A 314 1.50 3.55 18.03
N PHE A 315 2.74 3.81 18.42
CA PHE A 315 3.87 3.04 17.92
C PHE A 315 4.53 2.20 19.02
N ALA A 316 5.51 1.40 18.61
CA ALA A 316 6.25 0.53 19.53
C ALA A 316 5.24 -0.44 20.11
N VAL A 317 4.26 -0.74 19.29
CA VAL A 317 3.18 -1.64 19.66
C VAL A 317 3.54 -3.12 19.55
N MET A 318 4.83 -3.42 19.52
CA MET A 318 5.27 -4.80 19.38
C MET A 318 6.05 -5.35 20.57
N ALA A 319 6.24 -6.67 20.57
CA ALA A 319 6.99 -7.34 21.64
C ALA A 319 8.46 -7.34 21.21
N TYR A 320 9.36 -7.36 22.17
CA TYR A 320 10.79 -7.30 21.86
C TYR A 320 11.66 -8.41 22.48
N ALA A 321 12.75 -8.71 21.79
CA ALA A 321 13.70 -9.74 22.18
C ALA A 321 14.30 -9.55 23.57
N ASP A 322 14.44 -8.29 23.99
CA ASP A 322 14.99 -7.99 25.30
C ASP A 322 14.89 -6.52 25.67
N ARG A 323 15.13 -6.23 26.94
CA ARG A 323 15.08 -4.89 27.48
C ARG A 323 15.93 -3.88 26.68
N THR A 324 17.14 -4.29 26.32
CA THR A 324 18.05 -3.42 25.58
C THR A 324 17.53 -3.09 24.18
N SER A 325 16.84 -4.04 23.57
CA SER A 325 16.28 -3.84 22.23
C SER A 325 15.09 -2.90 22.31
N ARG A 326 14.22 -3.16 23.27
CA ARG A 326 13.04 -2.36 23.48
C ARG A 326 13.40 -0.90 23.66
N VAL A 327 14.37 -0.62 24.52
CA VAL A 327 14.80 0.75 24.78
C VAL A 327 15.31 1.38 23.49
N LYS A 328 16.14 0.61 22.79
CA LYS A 328 16.72 1.07 21.54
C LYS A 328 15.59 1.42 20.54
N TRP A 329 14.61 0.53 20.44
CA TRP A 329 13.50 0.76 19.52
C TRP A 329 12.73 2.03 19.81
N TYR A 330 12.46 2.29 21.08
CA TYR A 330 11.75 3.50 21.46
C TYR A 330 12.59 4.72 21.10
N ASP A 331 13.91 4.59 21.27
CA ASP A 331 14.85 5.65 20.97
C ASP A 331 14.89 5.90 19.46
N PHE A 332 14.91 4.82 18.69
CA PHE A 332 14.94 4.87 17.23
C PHE A 332 13.72 5.52 16.59
N ILE A 333 12.54 4.97 16.87
CA ILE A 333 11.29 5.49 16.31
C ILE A 333 11.12 6.99 16.52
N SER A 334 11.27 7.42 17.76
CA SER A 334 11.14 8.82 18.12
C SER A 334 12.03 9.71 17.26
N ASP A 335 13.28 9.29 17.07
CA ASP A 335 14.22 10.05 16.27
C ASP A 335 13.77 10.17 14.83
N ALA A 336 13.61 9.03 14.18
CA ALA A 336 13.22 9.00 12.79
C ALA A 336 11.93 9.75 12.55
N ALA A 337 10.95 9.53 13.43
CA ALA A 337 9.65 10.19 13.29
C ALA A 337 9.70 11.72 13.32
N LEU A 338 10.17 12.26 14.43
CA LEU A 338 10.24 13.70 14.62
C LEU A 338 11.17 14.42 13.64
N GLU A 339 12.19 13.73 13.15
CA GLU A 339 13.13 14.34 12.19
C GLU A 339 12.42 14.58 10.85
N ARG A 340 11.48 13.71 10.52
CA ARG A 340 10.71 13.81 9.29
C ARG A 340 9.51 14.74 9.50
N GLY A 341 9.40 15.31 10.69
CA GLY A 341 8.29 16.22 10.98
C GLY A 341 6.97 15.56 11.35
N PHE A 342 7.02 14.29 11.75
CA PHE A 342 5.81 13.57 12.13
C PHE A 342 5.45 13.81 13.58
N ALA A 343 4.16 13.68 13.87
CA ALA A 343 3.70 13.80 15.24
C ALA A 343 3.46 12.34 15.61
N CYS A 344 3.55 12.01 16.89
CA CYS A 344 3.31 10.64 17.30
C CYS A 344 3.05 10.47 18.79
N SER A 345 2.30 9.42 19.10
CA SER A 345 1.96 9.09 20.46
C SER A 345 2.44 7.68 20.71
N VAL A 346 3.14 7.45 21.82
CA VAL A 346 3.60 6.11 22.11
C VAL A 346 2.44 5.34 22.72
N TRP A 347 2.36 4.05 22.41
CA TRP A 347 1.29 3.23 22.94
C TRP A 347 1.64 2.83 24.36
N ASP A 348 0.77 3.18 25.31
CA ASP A 348 1.01 2.83 26.71
C ASP A 348 -0.16 2.01 27.21
N ASN A 349 0.13 0.72 27.33
CA ASN A 349 -0.79 -0.30 27.80
C ASN A 349 -1.38 0.06 29.16
N GLY A 350 -0.52 0.59 30.03
CA GLY A 350 -0.95 0.95 31.37
C GLY A 350 -0.97 -0.30 32.21
N VAL A 351 -0.16 -1.28 31.80
CA VAL A 351 -0.10 -2.56 32.50
C VAL A 351 1.29 -3.01 32.91
N PHE A 352 1.43 -3.31 34.20
CA PHE A 352 2.68 -3.79 34.78
C PHE A 352 2.31 -5.01 35.63
N GLY A 353 3.27 -5.93 35.81
CA GLY A 353 3.02 -7.10 36.63
C GLY A 353 2.59 -8.34 35.88
N ASP A 356 0.72 -8.05 33.25
CA ASP A 356 1.88 -8.75 32.74
C ASP A 356 3.10 -7.86 32.88
N ASN A 357 3.15 -6.81 32.07
CA ASN A 357 4.24 -5.83 32.05
C ASN A 357 4.26 -5.21 30.66
N ASP A 358 3.71 -5.99 29.72
CA ASP A 358 3.58 -5.65 28.32
C ASP A 358 4.26 -4.37 27.84
N MET A 359 3.42 -3.45 27.37
CA MET A 359 3.91 -2.18 26.84
C MET A 359 3.44 -0.96 27.63
N ALA A 360 3.83 -0.89 28.90
CA ALA A 360 3.48 0.22 29.79
C ALA A 360 4.72 0.98 30.24
N ILE A 361 4.68 2.30 30.09
CA ILE A 361 5.78 3.17 30.46
C ILE A 361 5.44 3.90 31.75
N TYR A 362 4.16 4.23 31.93
CA TYR A 362 3.74 4.93 33.12
C TYR A 362 3.00 4.00 34.06
N ASN A 363 3.44 3.95 35.32
CA ASN A 363 2.77 3.10 36.28
C ASN A 363 1.74 3.96 36.97
N ARG A 364 0.47 3.71 36.65
CA ARG A 364 -0.64 4.47 37.21
C ARG A 364 -0.82 4.26 38.72
N ASP A 365 -0.17 3.25 39.28
CA ASP A 365 -0.29 2.99 40.72
C ASP A 365 0.80 3.69 41.52
N THR A 366 2.03 3.67 41.01
CA THR A 366 3.16 4.30 41.68
C THR A 366 3.44 5.72 41.21
N ARG A 367 2.83 6.11 40.10
CA ARG A 367 3.04 7.44 39.51
C ARG A 367 4.50 7.61 39.13
N THR A 368 5.10 6.52 38.67
CA THR A 368 6.49 6.51 38.26
C THR A 368 6.55 6.04 36.82
N PHE A 369 7.58 6.46 36.10
CA PHE A 369 7.75 6.06 34.71
C PHE A 369 8.99 5.21 34.54
N ASP A 370 9.07 4.52 33.41
CA ASP A 370 10.23 3.73 33.08
C ASP A 370 11.19 4.81 32.55
N THR A 371 12.00 5.36 33.44
CA THR A 371 12.92 6.44 33.06
C THR A 371 13.71 6.23 31.76
N GLU A 372 14.31 5.07 31.60
CA GLU A 372 15.09 4.74 30.40
C GLU A 372 14.33 4.99 29.12
N ILE A 373 13.06 4.58 29.08
CA ILE A 373 12.24 4.76 27.90
C ILE A 373 11.96 6.23 27.62
N LEU A 374 11.56 6.96 28.66
CA LEU A 374 11.27 8.39 28.52
C LEU A 374 12.48 9.08 27.94
N ASN A 375 13.63 8.67 28.45
CA ASN A 375 14.92 9.22 28.04
C ASN A 375 15.13 8.96 26.56
N ALA A 376 14.74 7.78 26.10
CA ALA A 376 14.89 7.39 24.71
C ALA A 376 13.89 8.09 23.78
N LEU A 377 12.80 8.58 24.35
CA LEU A 377 11.76 9.27 23.56
C LEU A 377 12.05 10.76 23.41
N PHE A 378 12.86 11.32 24.31
CA PHE A 378 13.14 12.75 24.27
C PHE A 378 14.63 13.11 24.08
N PRO B 73 26.08 -12.71 -21.91
CA PRO B 73 25.03 -11.69 -21.73
C PRO B 73 25.58 -10.49 -20.96
N LYS B 74 25.70 -9.35 -21.63
CA LYS B 74 26.22 -8.15 -21.00
C LYS B 74 25.43 -7.66 -19.79
N ALA B 75 26.15 -7.09 -18.82
CA ALA B 75 25.52 -6.56 -17.63
C ALA B 75 25.16 -5.11 -17.87
N VAL B 76 23.86 -4.83 -17.91
CA VAL B 76 23.38 -3.47 -18.15
C VAL B 76 22.79 -2.89 -16.87
N ASP B 77 22.83 -1.57 -16.74
CA ASP B 77 22.26 -0.93 -15.56
C ASP B 77 20.75 -0.91 -15.71
N PRO B 78 20.03 -1.39 -14.69
CA PRO B 78 18.56 -1.42 -14.72
C PRO B 78 17.93 -0.13 -15.24
N PHE B 79 18.46 1.00 -14.80
CA PHE B 79 17.94 2.29 -15.23
C PHE B 79 18.24 2.55 -16.70
N GLU B 80 19.37 2.03 -17.15
CA GLU B 80 19.79 2.17 -18.54
C GLU B 80 18.77 1.43 -19.40
N MET B 81 18.48 0.19 -19.00
CA MET B 81 17.52 -0.66 -19.68
C MET B 81 16.17 0.02 -19.82
N VAL B 82 15.59 0.41 -18.70
CA VAL B 82 14.30 1.05 -18.68
C VAL B 82 14.22 2.23 -19.65
N ARG B 83 15.35 2.88 -19.90
CA ARG B 83 15.36 4.00 -20.83
C ARG B 83 15.26 3.44 -22.25
N LYS B 84 15.90 2.31 -22.47
CA LYS B 84 15.90 1.65 -23.76
C LYS B 84 14.49 1.12 -24.06
N MET B 85 13.86 0.50 -23.07
CA MET B 85 12.51 -0.03 -23.20
C MET B 85 11.52 1.01 -23.70
N GLY B 86 11.53 2.18 -23.05
CA GLY B 86 10.64 3.25 -23.46
C GLY B 86 9.18 2.84 -23.52
N MET B 87 8.51 3.15 -24.63
CA MET B 87 7.11 2.79 -24.81
C MET B 87 7.03 1.52 -25.66
N GLY B 88 6.41 0.47 -25.13
CA GLY B 88 6.30 -0.77 -25.87
C GLY B 88 4.90 -1.37 -25.87
N THR B 89 4.80 -2.64 -26.21
CA THR B 89 3.49 -3.29 -26.26
C THR B 89 3.47 -4.69 -25.69
N ASN B 90 2.27 -5.23 -25.56
CA ASN B 90 2.06 -6.58 -25.05
C ASN B 90 1.58 -7.44 -26.21
N LEU B 91 1.77 -8.75 -26.09
CA LEU B 91 1.31 -9.72 -27.08
C LEU B 91 0.24 -10.49 -26.29
N GLY B 92 -0.77 -9.75 -25.86
CA GLY B 92 -1.84 -10.30 -25.05
C GLY B 92 -2.72 -11.38 -25.61
N ASN B 93 -3.30 -12.15 -24.69
CA ASN B 93 -4.21 -13.23 -25.01
C ASN B 93 -3.68 -14.10 -26.13
N THR B 94 -2.39 -14.41 -26.05
CA THR B 94 -1.75 -15.24 -27.04
C THR B 94 -1.16 -16.48 -26.36
N LEU B 95 0.04 -16.36 -25.81
CA LEU B 95 0.69 -17.49 -25.15
C LEU B 95 0.30 -17.67 -23.68
N GLU B 96 -0.43 -16.71 -23.12
CA GLU B 96 -0.84 -16.83 -21.71
C GLU B 96 -2.22 -17.49 -21.64
N ALA B 97 -2.76 -17.85 -22.80
CA ALA B 97 -4.05 -18.53 -22.88
C ALA B 97 -3.77 -19.99 -22.56
N PRO B 98 -4.80 -20.77 -22.17
CA PRO B 98 -4.53 -22.18 -21.87
C PRO B 98 -3.73 -22.89 -22.96
N TYR B 99 -3.99 -22.51 -24.21
CA TYR B 99 -3.30 -23.06 -25.38
C TYR B 99 -3.21 -21.95 -26.42
N GLU B 100 -2.02 -21.77 -27.00
CA GLU B 100 -1.84 -20.74 -28.01
C GLU B 100 -2.94 -20.87 -29.05
N GLY B 101 -3.69 -19.79 -29.25
CA GLY B 101 -4.77 -19.82 -30.22
C GLY B 101 -6.14 -19.91 -29.59
N SER B 102 -6.21 -20.37 -28.34
CA SER B 102 -7.49 -20.48 -27.63
C SER B 102 -8.21 -19.12 -27.59
N TRP B 103 -7.46 -18.06 -27.35
CA TRP B 103 -8.06 -16.74 -27.27
C TRP B 103 -7.82 -15.98 -28.58
N SER B 104 -6.91 -15.02 -28.55
CA SER B 104 -6.59 -14.24 -29.74
C SER B 104 -5.67 -15.00 -30.70
N LYS B 105 -5.60 -14.54 -31.94
CA LYS B 105 -4.79 -15.19 -32.97
C LYS B 105 -3.38 -15.51 -32.51
N SER B 106 -2.93 -16.71 -32.85
CA SER B 106 -1.59 -17.16 -32.50
C SER B 106 -0.53 -16.17 -32.94
N ALA B 107 0.68 -16.34 -32.41
CA ALA B 107 1.78 -15.45 -32.73
C ALA B 107 2.19 -15.55 -34.19
N MET B 108 2.43 -14.42 -34.81
CA MET B 108 2.84 -14.36 -36.20
C MET B 108 4.01 -13.37 -36.27
N GLU B 109 5.11 -13.82 -36.85
CA GLU B 109 6.30 -12.99 -36.97
C GLU B 109 6.04 -11.59 -37.52
N TYR B 110 5.10 -11.45 -38.45
CA TYR B 110 4.82 -10.14 -39.02
C TYR B 110 4.22 -9.18 -38.01
N TYR B 111 3.75 -9.72 -36.89
CA TYR B 111 3.21 -8.88 -35.83
C TYR B 111 4.35 -7.96 -35.41
N PHE B 112 5.51 -8.57 -35.21
CA PHE B 112 6.69 -7.83 -34.78
C PHE B 112 7.24 -6.92 -35.87
N ASP B 113 7.03 -7.30 -37.13
CA ASP B 113 7.49 -6.45 -38.21
C ASP B 113 6.68 -5.17 -38.10
N ASP B 114 5.40 -5.32 -37.85
CA ASP B 114 4.53 -4.17 -37.72
C ASP B 114 4.77 -3.41 -36.41
N PHE B 115 5.12 -4.12 -35.35
CA PHE B 115 5.39 -3.45 -34.07
C PHE B 115 6.58 -2.52 -34.21
N LYS B 116 7.61 -2.99 -34.91
CA LYS B 116 8.80 -2.19 -35.12
C LYS B 116 8.45 -0.94 -35.93
N ALA B 117 7.67 -1.12 -36.98
CA ALA B 117 7.25 -0.02 -37.82
C ALA B 117 6.38 0.95 -37.03
N ALA B 118 5.63 0.40 -36.07
CA ALA B 118 4.75 1.23 -35.24
C ALA B 118 5.54 2.17 -34.33
N GLY B 119 6.76 1.77 -33.97
CA GLY B 119 7.58 2.59 -33.10
C GLY B 119 7.77 2.06 -31.70
N TYR B 120 7.18 0.91 -31.40
CA TYR B 120 7.32 0.30 -30.08
C TYR B 120 8.77 -0.04 -29.81
N LYS B 121 9.21 0.15 -28.57
CA LYS B 121 10.58 -0.14 -28.21
C LYS B 121 10.72 -1.43 -27.41
N ASN B 122 9.59 -2.05 -27.07
CA ASN B 122 9.61 -3.31 -26.33
C ASN B 122 8.37 -4.15 -26.60
N VAL B 123 8.44 -5.42 -26.20
CA VAL B 123 7.34 -6.33 -26.37
C VAL B 123 7.31 -7.28 -25.19
N ARG B 124 6.19 -7.28 -24.47
CA ARG B 124 6.00 -8.14 -23.32
C ARG B 124 5.23 -9.36 -23.80
N ILE B 125 5.82 -10.53 -23.56
CA ILE B 125 5.21 -11.79 -23.99
C ILE B 125 4.66 -12.62 -22.85
N PRO B 126 3.37 -12.42 -22.50
CA PRO B 126 2.78 -13.21 -21.43
C PRO B 126 2.83 -14.69 -21.82
N VAL B 127 3.10 -15.57 -20.84
CA VAL B 127 3.17 -17.00 -21.13
C VAL B 127 2.65 -17.85 -19.98
N ARG B 128 1.66 -18.69 -20.28
CA ARG B 128 1.10 -19.60 -19.28
C ARG B 128 1.75 -20.95 -19.51
N TRP B 129 2.56 -21.40 -18.55
CA TRP B 129 3.25 -22.68 -18.70
C TRP B 129 2.45 -23.90 -18.25
N ASP B 130 1.42 -23.65 -17.44
CA ASP B 130 0.58 -24.71 -16.91
C ASP B 130 0.34 -25.95 -17.79
N ASN B 131 -0.37 -25.79 -18.90
CA ASN B 131 -0.69 -26.92 -19.78
C ASN B 131 0.43 -27.41 -20.69
N HIS B 132 1.65 -26.99 -20.45
CA HIS B 132 2.75 -27.43 -21.30
C HIS B 132 3.84 -28.05 -20.44
N THR B 133 3.53 -28.24 -19.17
CA THR B 133 4.46 -28.80 -18.21
C THR B 133 3.85 -30.02 -17.53
N MET B 134 4.70 -30.97 -17.12
CA MET B 134 4.20 -32.16 -16.42
C MET B 134 3.61 -31.69 -15.11
N ARG B 135 2.63 -32.42 -14.61
CA ARG B 135 2.01 -32.07 -13.35
C ARG B 135 2.60 -32.90 -12.22
N THR B 136 3.68 -33.62 -12.54
CA THR B 136 4.38 -34.44 -11.56
C THR B 136 5.88 -34.31 -11.79
N TYR B 137 6.66 -34.53 -10.73
CA TYR B 137 8.11 -34.43 -10.82
C TYR B 137 8.62 -35.16 -12.07
N PRO B 138 9.69 -34.66 -12.70
CA PRO B 138 10.45 -33.47 -12.33
C PRO B 138 9.86 -32.22 -12.99
N TYR B 139 8.54 -32.20 -13.13
CA TYR B 139 7.83 -31.07 -13.72
C TYR B 139 8.49 -30.58 -15.01
N THR B 140 8.60 -31.47 -15.99
CA THR B 140 9.23 -31.14 -17.27
C THR B 140 8.32 -30.34 -18.21
N ILE B 141 8.93 -29.36 -18.88
CA ILE B 141 8.24 -28.50 -19.84
C ILE B 141 8.39 -29.12 -21.24
N ASP B 142 7.29 -29.29 -21.96
CA ASP B 142 7.36 -29.87 -23.31
C ASP B 142 8.39 -29.11 -24.15
N LYS B 143 9.28 -29.85 -24.81
CA LYS B 143 10.30 -29.24 -25.64
C LYS B 143 9.62 -28.40 -26.71
N ALA B 144 8.59 -28.96 -27.32
CA ALA B 144 7.87 -28.24 -28.35
C ALA B 144 7.50 -26.83 -27.88
N PHE B 145 6.90 -26.71 -26.71
CA PHE B 145 6.51 -25.41 -26.19
C PHE B 145 7.70 -24.48 -25.98
N LEU B 146 8.73 -24.94 -25.28
CA LEU B 146 9.93 -24.12 -25.07
C LEU B 146 10.48 -23.67 -26.42
N ASP B 147 10.47 -24.59 -27.38
CA ASP B 147 10.94 -24.32 -28.73
C ASP B 147 10.11 -23.21 -29.35
N ARG B 148 8.79 -23.28 -29.15
CA ARG B 148 7.85 -22.30 -29.66
C ARG B 148 8.08 -20.93 -29.02
N VAL B 149 8.15 -20.91 -27.69
CA VAL B 149 8.38 -19.67 -26.99
C VAL B 149 9.69 -19.05 -27.44
N GLU B 150 10.75 -19.87 -27.52
CA GLU B 150 12.06 -19.37 -27.95
C GLU B 150 11.98 -18.79 -29.37
N GLN B 151 11.16 -19.41 -30.20
CA GLN B 151 10.97 -18.93 -31.56
C GLN B 151 10.41 -17.51 -31.55
N VAL B 152 9.38 -17.27 -30.72
CA VAL B 152 8.76 -15.95 -30.64
C VAL B 152 9.70 -14.93 -30.03
N VAL B 153 10.40 -15.33 -28.99
CA VAL B 153 11.35 -14.45 -28.30
C VAL B 153 12.40 -13.98 -29.30
N ASP B 154 12.90 -14.91 -30.11
CA ASP B 154 13.92 -14.57 -31.10
C ASP B 154 13.45 -13.53 -32.12
N TRP B 155 12.21 -13.64 -32.57
CA TRP B 155 11.68 -12.66 -33.53
C TRP B 155 11.78 -11.27 -32.91
N SER B 156 11.40 -11.16 -31.64
CA SER B 156 11.42 -9.89 -30.92
C SER B 156 12.84 -9.33 -30.73
N LEU B 157 13.75 -10.18 -30.24
CA LEU B 157 15.12 -9.74 -30.03
C LEU B 157 15.78 -9.32 -31.33
N SER B 158 15.68 -10.17 -32.34
CA SER B 158 16.27 -9.90 -33.66
C SER B 158 15.90 -8.53 -34.18
N ARG B 159 14.75 -8.02 -33.76
CA ARG B 159 14.29 -6.71 -34.20
C ARG B 159 14.64 -5.56 -33.24
N GLY B 160 15.48 -5.85 -32.24
CA GLY B 160 15.90 -4.83 -31.30
C GLY B 160 14.93 -4.41 -30.20
N PHE B 161 13.91 -5.21 -29.94
CA PHE B 161 12.95 -4.89 -28.90
C PHE B 161 13.49 -5.38 -27.57
N VAL B 162 13.27 -4.62 -26.50
CA VAL B 162 13.68 -5.13 -25.20
C VAL B 162 12.53 -6.13 -25.07
N THR B 163 12.86 -7.38 -24.77
CA THR B 163 11.85 -8.41 -24.71
C THR B 163 11.63 -9.01 -23.34
N ILE B 164 10.36 -9.08 -22.95
CA ILE B 164 9.99 -9.63 -21.65
C ILE B 164 9.12 -10.89 -21.76
N ILE B 165 9.49 -11.93 -21.01
CA ILE B 165 8.72 -13.16 -20.95
C ILE B 165 8.42 -13.35 -19.47
N ASN B 166 7.31 -13.98 -19.16
CA ASN B 166 6.93 -14.20 -17.77
C ASN B 166 6.15 -15.48 -17.57
N SER B 167 5.49 -15.52 -16.42
CA SER B 167 4.58 -16.60 -16.06
C SER B 167 3.29 -15.79 -15.97
N HIS B 168 2.27 -16.19 -16.72
CA HIS B 168 1.03 -15.44 -16.74
C HIS B 168 -0.17 -16.38 -16.68
N HIS B 169 -1.09 -16.09 -15.77
CA HIS B 169 -2.29 -16.89 -15.57
C HIS B 169 -2.05 -18.30 -15.01
N ASP B 170 -0.84 -18.53 -14.51
CA ASP B 170 -0.54 -19.83 -13.90
C ASP B 170 -1.14 -19.78 -12.50
N ASP B 171 -2.43 -19.42 -12.45
CA ASP B 171 -3.16 -19.27 -11.20
C ASP B 171 -3.05 -20.45 -10.24
N TRP B 172 -2.79 -21.63 -10.79
CA TRP B 172 -2.68 -22.83 -9.98
C TRP B 172 -1.76 -22.69 -8.77
N ILE B 173 -0.74 -21.83 -8.87
CA ILE B 173 0.21 -21.67 -7.77
C ILE B 173 -0.37 -20.87 -6.60
N LYS B 174 -1.43 -20.11 -6.86
CA LYS B 174 -2.05 -19.32 -5.82
C LYS B 174 -3.08 -20.15 -5.09
N GLU B 175 -3.46 -21.27 -5.71
CA GLU B 175 -4.46 -22.16 -5.14
C GLU B 175 -3.90 -22.93 -3.95
N ASP B 176 -2.67 -23.41 -4.11
CA ASP B 176 -1.97 -24.13 -3.07
C ASP B 176 -0.49 -23.81 -3.24
N TYR B 177 -0.06 -22.70 -2.66
CA TYR B 177 1.32 -22.27 -2.78
C TYR B 177 2.31 -23.34 -2.33
N ASN B 178 2.22 -23.70 -1.05
CA ASN B 178 3.14 -24.67 -0.48
C ASN B 178 3.27 -25.97 -1.27
N GLY B 179 2.21 -26.39 -1.93
CA GLY B 179 2.29 -27.62 -2.70
C GLY B 179 2.78 -27.48 -4.13
N ASN B 180 2.61 -26.31 -4.72
CA ASN B 180 3.00 -26.10 -6.11
C ASN B 180 4.25 -25.26 -6.35
N ILE B 181 4.75 -24.60 -5.31
CA ILE B 181 5.93 -23.76 -5.46
C ILE B 181 7.12 -24.56 -6.04
N GLU B 182 7.14 -25.86 -5.76
CA GLU B 182 8.21 -26.71 -6.25
C GLU B 182 8.09 -26.84 -7.77
N ARG B 183 6.86 -26.91 -8.26
CA ARG B 183 6.61 -27.01 -9.69
C ARG B 183 6.91 -25.68 -10.36
N PHE B 184 6.60 -24.58 -9.67
CA PHE B 184 6.86 -23.26 -10.22
C PHE B 184 8.37 -23.05 -10.31
N GLU B 185 9.11 -23.61 -9.36
CA GLU B 185 10.56 -23.50 -9.34
C GLU B 185 11.17 -24.26 -10.51
N LYS B 186 10.67 -25.49 -10.70
CA LYS B 186 11.14 -26.36 -11.75
C LYS B 186 10.97 -25.67 -13.10
N ILE B 187 9.81 -25.05 -13.30
CA ILE B 187 9.53 -24.34 -14.52
C ILE B 187 10.51 -23.20 -14.76
N TRP B 188 10.74 -22.38 -13.74
CA TRP B 188 11.68 -21.27 -13.89
C TRP B 188 13.11 -21.74 -14.08
N GLU B 189 13.44 -22.90 -13.52
CA GLU B 189 14.77 -23.46 -13.66
C GLU B 189 15.00 -23.82 -15.13
N GLN B 190 14.00 -24.47 -15.72
CA GLN B 190 14.07 -24.86 -17.13
C GLN B 190 14.11 -23.64 -18.04
N ILE B 191 13.35 -22.60 -17.69
CA ILE B 191 13.32 -21.38 -18.46
C ILE B 191 14.67 -20.68 -18.41
N ALA B 192 15.20 -20.50 -17.20
CA ALA B 192 16.49 -19.84 -17.05
C ALA B 192 17.58 -20.58 -17.83
N GLU B 193 17.54 -21.91 -17.78
CA GLU B 193 18.53 -22.73 -18.47
C GLU B 193 18.45 -22.57 -19.99
N ARG B 194 17.22 -22.63 -20.50
CA ARG B 194 16.97 -22.52 -21.93
C ARG B 194 17.35 -21.18 -22.53
N PHE B 195 17.09 -20.09 -21.81
CA PHE B 195 17.38 -18.76 -22.32
C PHE B 195 18.66 -18.13 -21.80
N LYS B 196 19.31 -18.81 -20.86
CA LYS B 196 20.54 -18.30 -20.25
C LYS B 196 21.50 -17.56 -21.17
N ASN B 197 21.50 -17.91 -22.45
CA ASN B 197 22.40 -17.30 -23.41
C ASN B 197 21.85 -16.15 -24.25
N LYS B 198 20.54 -15.95 -24.21
CA LYS B 198 19.93 -14.86 -24.96
C LYS B 198 20.58 -13.54 -24.54
N SER B 199 20.38 -12.48 -25.31
CA SER B 199 21.00 -11.20 -24.97
C SER B 199 20.40 -10.48 -23.75
N GLU B 200 21.04 -9.37 -23.37
CA GLU B 200 20.59 -8.59 -22.22
C GLU B 200 19.22 -7.95 -22.42
N ASN B 201 18.76 -7.87 -23.66
CA ASN B 201 17.46 -7.27 -23.93
C ASN B 201 16.30 -8.21 -23.64
N LEU B 202 16.62 -9.39 -23.12
CA LEU B 202 15.60 -10.35 -22.75
C LEU B 202 15.49 -10.35 -21.24
N LEU B 203 14.36 -9.83 -20.75
CA LEU B 203 14.11 -9.73 -19.32
C LEU B 203 13.17 -10.82 -18.81
N PHE B 204 13.37 -11.21 -17.56
CA PHE B 204 12.53 -12.23 -16.90
C PHE B 204 11.61 -11.56 -15.89
N GLU B 205 10.31 -11.80 -16.02
CA GLU B 205 9.34 -11.27 -15.07
C GLU B 205 8.76 -12.50 -14.39
N ILE B 206 9.16 -12.72 -13.15
CA ILE B 206 8.73 -13.85 -12.34
C ILE B 206 7.24 -14.20 -12.43
N MET B 207 6.38 -13.23 -12.18
CA MET B 207 4.95 -13.48 -12.24
C MET B 207 4.13 -12.23 -12.53
N ASN B 208 3.25 -12.34 -13.51
CA ASN B 208 2.37 -11.26 -13.96
C ASN B 208 1.75 -10.36 -12.90
N GLU B 209 0.85 -10.92 -12.09
CA GLU B 209 0.18 -10.17 -11.04
C GLU B 209 0.32 -10.90 -9.71
N PRO B 210 1.41 -10.65 -8.99
CA PRO B 210 1.69 -11.28 -7.70
C PRO B 210 0.56 -11.10 -6.69
N PHE B 211 0.28 -9.85 -6.38
CA PHE B 211 -0.75 -9.49 -5.43
C PHE B 211 -2.06 -10.13 -5.82
N GLY B 212 -2.61 -10.95 -4.91
CA GLY B 212 -3.86 -11.62 -5.19
C GLY B 212 -4.28 -12.55 -4.06
N ASN B 213 -4.33 -13.85 -4.34
CA ASN B 213 -4.73 -14.83 -3.34
C ASN B 213 -3.52 -15.52 -2.74
N ILE B 214 -2.48 -14.74 -2.54
CA ILE B 214 -1.24 -15.23 -1.98
C ILE B 214 -0.76 -14.22 -0.94
N THR B 215 -0.32 -14.71 0.22
CA THR B 215 0.14 -13.81 1.26
C THR B 215 1.34 -13.00 0.79
N ASP B 216 1.53 -11.83 1.39
CA ASP B 216 2.67 -10.99 1.03
C ASP B 216 3.96 -11.66 1.46
N GLU B 217 3.83 -12.73 2.25
CA GLU B 217 4.97 -13.48 2.74
C GLU B 217 5.41 -14.51 1.69
N GLN B 218 4.43 -15.13 1.05
CA GLN B 218 4.70 -16.12 0.02
C GLN B 218 5.20 -15.43 -1.23
N ILE B 219 4.74 -14.21 -1.46
CA ILE B 219 5.19 -13.43 -2.60
C ILE B 219 6.67 -13.14 -2.45
N ASP B 220 7.07 -12.79 -1.22
CA ASP B 220 8.47 -12.51 -0.89
C ASP B 220 9.26 -13.81 -0.99
N ASP B 221 8.67 -14.88 -0.44
CA ASP B 221 9.30 -16.18 -0.47
C ASP B 221 9.53 -16.56 -1.93
N MET B 222 8.47 -16.42 -2.71
CA MET B 222 8.50 -16.73 -4.13
C MET B 222 9.60 -15.98 -4.88
N ASN B 223 9.68 -14.66 -4.68
CA ASN B 223 10.70 -13.87 -5.37
C ASN B 223 12.13 -14.31 -5.05
N SER B 224 12.45 -14.42 -3.77
CA SER B 224 13.80 -14.80 -3.39
C SER B 224 14.28 -16.11 -4.00
N ARG B 225 13.47 -17.15 -3.86
CA ARG B 225 13.84 -18.47 -4.40
C ARG B 225 13.87 -18.57 -5.91
N ILE B 226 12.89 -17.99 -6.59
CA ILE B 226 12.86 -18.04 -8.04
C ILE B 226 14.00 -17.20 -8.62
N LEU B 227 14.34 -16.10 -7.95
CA LEU B 227 15.43 -15.25 -8.39
C LEU B 227 16.77 -15.92 -8.14
N LYS B 228 16.83 -16.73 -7.07
CA LYS B 228 18.04 -17.45 -6.72
C LYS B 228 18.35 -18.49 -7.78
N ILE B 229 17.29 -19.10 -8.31
CA ILE B 229 17.39 -20.12 -9.36
C ILE B 229 17.82 -19.47 -10.68
N ILE B 230 17.21 -18.34 -11.00
CA ILE B 230 17.54 -17.64 -12.22
C ILE B 230 19.02 -17.27 -12.19
N ARG B 231 19.45 -16.70 -11.08
CA ARG B 231 20.82 -16.26 -10.91
C ARG B 231 21.89 -17.34 -11.05
N LYS B 232 21.53 -18.59 -10.77
CA LYS B 232 22.49 -19.68 -10.86
C LYS B 232 23.08 -19.79 -12.27
N THR B 233 22.21 -19.73 -13.27
CA THR B 233 22.63 -19.82 -14.67
C THR B 233 22.55 -18.47 -15.38
N ASN B 234 21.87 -17.53 -14.73
CA ASN B 234 21.71 -16.18 -15.28
C ASN B 234 22.13 -15.17 -14.24
N PRO B 235 23.45 -14.96 -14.11
CA PRO B 235 24.09 -14.03 -13.17
C PRO B 235 23.72 -12.55 -13.23
N THR B 236 23.72 -11.95 -14.41
CA THR B 236 23.39 -10.53 -14.47
C THR B 236 22.14 -10.13 -15.24
N ARG B 237 21.29 -11.10 -15.59
CA ARG B 237 20.07 -10.80 -16.33
C ARG B 237 19.03 -10.09 -15.45
N ILE B 238 18.58 -8.92 -15.91
CA ILE B 238 17.61 -8.13 -15.19
C ILE B 238 16.31 -8.90 -14.96
N VAL B 239 15.89 -8.97 -13.71
CA VAL B 239 14.66 -9.66 -13.36
C VAL B 239 13.58 -8.64 -13.01
N ILE B 240 12.33 -8.95 -13.37
CA ILE B 240 11.23 -8.06 -13.08
C ILE B 240 10.38 -8.63 -11.95
N ILE B 241 10.14 -7.83 -10.92
CA ILE B 241 9.34 -8.25 -9.77
C ILE B 241 8.30 -7.18 -9.48
N GLY B 242 7.17 -7.60 -8.93
CA GLY B 242 6.11 -6.66 -8.62
C GLY B 242 6.54 -5.59 -7.63
N GLY B 243 6.49 -4.34 -8.05
CA GLY B 243 6.87 -3.24 -7.17
C GLY B 243 5.70 -2.89 -6.29
N GLY B 244 4.50 -3.21 -6.76
CA GLY B 244 3.29 -2.93 -6.02
C GLY B 244 2.16 -2.63 -6.98
N TYR B 245 1.05 -2.09 -6.47
CA TYR B 245 -0.08 -1.78 -7.32
C TYR B 245 -0.77 -0.48 -6.92
N TRP B 246 -1.87 -0.16 -7.59
CA TRP B 246 -2.61 1.04 -7.31
C TRP B 246 -4.03 0.97 -7.88
N ASN B 247 -4.89 1.83 -7.35
CA ASN B 247 -6.27 1.93 -7.78
C ASN B 247 -6.76 3.34 -7.46
N SER B 248 -8.06 3.57 -7.49
CA SER B 248 -8.59 4.90 -7.21
C SER B 248 -8.51 5.28 -5.74
N TYR B 249 -8.44 4.30 -4.86
CA TYR B 249 -8.40 4.57 -3.42
C TYR B 249 -7.03 4.63 -2.77
N ASN B 250 -6.10 3.81 -3.24
CA ASN B 250 -4.77 3.81 -2.66
C ASN B 250 -3.70 3.19 -3.52
N THR B 251 -2.47 3.21 -3.01
CA THR B 251 -1.34 2.64 -3.70
C THR B 251 -0.55 1.84 -2.69
N LEU B 252 -0.11 0.66 -3.09
CA LEU B 252 0.68 -0.17 -2.21
C LEU B 252 2.03 -0.35 -2.88
N VAL B 253 3.10 -0.19 -2.11
CA VAL B 253 4.43 -0.37 -2.68
C VAL B 253 5.21 -1.39 -1.88
N ASN B 254 6.15 -2.02 -2.57
CA ASN B 254 7.01 -3.05 -1.99
C ASN B 254 8.12 -2.47 -1.13
N ILE B 255 8.19 -2.95 0.10
CA ILE B 255 9.19 -2.50 1.07
C ILE B 255 10.35 -3.48 1.20
N LYS B 256 10.04 -4.78 1.19
CA LYS B 256 11.09 -5.78 1.32
C LYS B 256 11.57 -6.22 -0.05
N ILE B 257 12.46 -5.42 -0.64
CA ILE B 257 13.01 -5.70 -1.95
C ILE B 257 14.28 -6.55 -1.86
N PRO B 258 14.38 -7.58 -2.71
CA PRO B 258 15.55 -8.48 -2.72
C PRO B 258 16.82 -7.69 -2.93
N ASP B 259 17.91 -8.15 -2.32
CA ASP B 259 19.18 -7.45 -2.48
C ASP B 259 19.86 -7.99 -3.74
N ASP B 260 19.48 -7.43 -4.88
CA ASP B 260 20.04 -7.82 -6.17
C ASP B 260 20.22 -6.56 -7.00
N PRO B 261 21.37 -6.42 -7.66
CA PRO B 261 21.61 -5.22 -8.47
C PRO B 261 20.91 -5.16 -9.83
N TYR B 262 20.24 -6.22 -10.23
CA TYR B 262 19.59 -6.23 -11.54
C TYR B 262 18.10 -6.49 -11.48
N LEU B 263 17.36 -5.54 -10.90
CA LEU B 263 15.93 -5.69 -10.76
C LEU B 263 15.19 -4.49 -11.29
N ILE B 264 13.94 -4.71 -11.65
CA ILE B 264 13.06 -3.66 -12.13
C ILE B 264 11.75 -3.92 -11.42
N GLY B 265 11.09 -2.86 -10.98
CA GLY B 265 9.84 -3.01 -10.28
C GLY B 265 8.69 -2.75 -11.22
N THR B 266 7.76 -3.69 -11.28
CA THR B 266 6.60 -3.54 -12.14
C THR B 266 5.37 -3.18 -11.32
N PHE B 267 4.54 -2.29 -11.88
CA PHE B 267 3.31 -1.85 -11.23
C PHE B 267 2.11 -2.01 -12.15
N HIS B 268 1.00 -2.45 -11.57
CA HIS B 268 -0.24 -2.65 -12.30
C HIS B 268 -1.36 -2.05 -11.49
N TYR B 269 -2.49 -1.79 -12.15
CA TYR B 269 -3.65 -1.27 -11.45
C TYR B 269 -4.27 -2.49 -10.77
N TYR B 270 -4.74 -2.34 -9.54
CA TYR B 270 -5.33 -3.48 -8.84
C TYR B 270 -6.15 -3.11 -7.62
N ASP B 271 -7.31 -3.74 -7.49
CA ASP B 271 -8.20 -3.49 -6.35
C ASP B 271 -8.66 -4.82 -5.74
N PRO B 272 -8.26 -5.08 -4.49
CA PRO B 272 -8.59 -6.30 -3.72
C PRO B 272 -10.09 -6.58 -3.62
N TYR B 273 -10.91 -5.62 -4.01
CA TYR B 273 -12.35 -5.80 -3.95
C TYR B 273 -12.86 -5.74 -5.39
N GLU B 274 -13.14 -4.54 -5.90
CA GLU B 274 -13.55 -4.37 -7.29
C GLU B 274 -14.94 -4.83 -7.76
N PHE B 275 -15.36 -6.02 -7.35
CA PHE B 275 -16.67 -6.57 -7.74
C PHE B 275 -17.46 -5.70 -8.72
N GLY B 281 -17.42 5.06 -12.76
CA GLY B 281 -17.57 3.95 -13.68
C GLY B 281 -16.84 4.18 -14.99
N THR B 282 -16.53 5.44 -15.27
CA THR B 282 -15.82 5.83 -16.49
C THR B 282 -14.43 6.38 -16.11
N TRP B 283 -13.55 6.58 -17.09
CA TRP B 283 -12.20 7.07 -16.81
C TRP B 283 -11.74 8.40 -17.40
N GLY B 284 -12.67 9.21 -17.88
CA GLY B 284 -12.28 10.49 -18.47
C GLY B 284 -12.18 11.65 -17.49
N THR B 285 -12.65 11.45 -16.27
CA THR B 285 -12.65 12.51 -15.26
C THR B 285 -11.26 13.08 -14.96
N GLN B 286 -11.20 14.40 -14.76
CA GLN B 286 -9.94 15.07 -14.47
C GLN B 286 -9.49 14.64 -13.08
N GLU B 287 -10.45 14.22 -12.27
CA GLU B 287 -10.13 13.76 -10.93
C GLU B 287 -9.42 12.42 -11.06
N ASP B 288 -9.68 11.72 -12.17
CA ASP B 288 -9.03 10.45 -12.43
C ASP B 288 -7.60 10.70 -12.89
N MET B 289 -7.39 11.75 -13.66
CA MET B 289 -6.05 12.07 -14.12
C MET B 289 -5.30 12.93 -13.12
N ASP B 290 -5.97 13.28 -12.02
CA ASP B 290 -5.32 14.04 -10.96
C ASP B 290 -4.83 12.99 -10.00
N THR B 291 -5.51 11.84 -10.02
CA THR B 291 -5.17 10.71 -9.19
C THR B 291 -3.90 10.09 -9.75
N VAL B 292 -3.89 9.86 -11.06
CA VAL B 292 -2.75 9.25 -11.75
C VAL B 292 -1.44 9.99 -11.51
N VAL B 293 -1.45 11.30 -11.77
CA VAL B 293 -0.24 12.09 -11.59
C VAL B 293 0.29 11.97 -10.16
N ARG B 294 -0.60 11.80 -9.21
CA ARG B 294 -0.20 11.70 -7.81
C ARG B 294 0.28 10.28 -7.50
N VAL B 295 -0.32 9.29 -8.15
CA VAL B 295 0.09 7.91 -7.96
C VAL B 295 1.49 7.76 -8.53
N PHE B 296 1.67 8.24 -9.76
CA PHE B 296 2.93 8.17 -10.46
C PHE B 296 4.04 8.88 -9.70
N ASP B 297 3.67 9.92 -8.97
CA ASP B 297 4.64 10.65 -8.18
C ASP B 297 5.04 9.83 -6.96
N PHE B 298 4.10 9.10 -6.39
CA PHE B 298 4.45 8.28 -5.24
C PHE B 298 5.33 7.13 -5.71
N VAL B 299 5.01 6.56 -6.87
CA VAL B 299 5.78 5.46 -7.43
C VAL B 299 7.21 5.92 -7.71
N LYS B 300 7.33 7.14 -8.24
CA LYS B 300 8.61 7.74 -8.55
C LYS B 300 9.43 7.87 -7.26
N SER B 301 8.84 8.47 -6.23
CA SER B 301 9.51 8.63 -4.94
C SER B 301 9.99 7.28 -4.43
N TRP B 302 9.22 6.25 -4.76
CA TRP B 302 9.53 4.88 -4.36
C TRP B 302 10.71 4.36 -5.19
N SER B 303 10.70 4.71 -6.47
CA SER B 303 11.76 4.30 -7.37
C SER B 303 13.08 4.90 -6.94
N ASP B 304 13.08 6.21 -6.65
CA ASP B 304 14.30 6.89 -6.26
C ASP B 304 14.82 6.50 -4.88
N ARG B 305 13.91 6.24 -3.95
CA ARG B 305 14.33 5.86 -2.62
C ARG B 305 15.07 4.52 -2.68
N ASN B 306 14.49 3.55 -3.38
CA ASN B 306 15.08 2.23 -3.49
C ASN B 306 16.09 2.10 -4.64
N ASN B 307 16.15 3.13 -5.47
CA ASN B 307 17.04 3.14 -6.63
C ASN B 307 16.73 1.97 -7.54
N ILE B 308 15.46 1.87 -7.93
CA ILE B 308 15.01 0.82 -8.82
C ILE B 308 14.06 1.46 -9.81
N PRO B 309 14.25 1.14 -11.11
CA PRO B 309 13.42 1.67 -12.19
C PRO B 309 12.02 1.08 -12.19
N VAL B 310 11.06 1.86 -12.65
CA VAL B 310 9.67 1.44 -12.68
C VAL B 310 9.19 0.98 -14.05
N TYR B 311 8.30 0.00 -14.04
CA TYR B 311 7.79 -0.54 -15.28
C TYR B 311 6.32 -0.92 -15.23
N PHE B 312 5.55 -0.38 -16.17
CA PHE B 312 4.13 -0.69 -16.26
C PHE B 312 3.91 -1.63 -17.44
N GLY B 313 3.94 -2.93 -17.13
CA GLY B 313 3.78 -3.97 -18.13
C GLY B 313 2.42 -4.09 -18.77
N ALA B 314 1.36 -3.83 -18.01
CA ALA B 314 0.00 -3.89 -18.55
C ALA B 314 -0.53 -2.48 -18.41
N PHE B 315 -0.05 -1.65 -19.31
CA PHE B 315 -0.38 -0.25 -19.36
C PHE B 315 -1.77 0.03 -19.92
N ALA B 316 -2.43 0.99 -19.29
CA ALA B 316 -3.77 1.43 -19.69
C ALA B 316 -4.77 0.35 -20.07
N VAL B 317 -5.38 -0.26 -19.06
CA VAL B 317 -6.36 -1.31 -19.29
C VAL B 317 -7.65 -0.89 -18.60
N MET B 318 -8.24 0.20 -19.09
CA MET B 318 -9.47 0.72 -18.52
C MET B 318 -10.57 0.80 -19.58
N ALA B 319 -11.83 0.84 -19.11
CA ALA B 319 -12.98 0.95 -20.01
C ALA B 319 -13.36 2.42 -20.10
N TYR B 320 -13.02 3.02 -21.23
CA TYR B 320 -13.30 4.44 -21.45
C TYR B 320 -14.65 4.69 -22.11
N ALA B 321 -15.51 5.42 -21.40
CA ALA B 321 -16.85 5.76 -21.86
C ALA B 321 -16.93 6.03 -23.36
N ASP B 322 -16.36 7.15 -23.79
CA ASP B 322 -16.37 7.52 -25.20
C ASP B 322 -14.97 7.50 -25.82
N ARG B 323 -14.91 7.71 -27.12
CA ARG B 323 -13.66 7.72 -27.87
C ARG B 323 -12.62 8.70 -27.34
N THR B 324 -12.97 9.99 -27.32
CA THR B 324 -12.04 11.02 -26.86
C THR B 324 -11.45 10.72 -25.48
N SER B 325 -12.27 10.23 -24.56
CA SER B 325 -11.78 9.91 -23.23
C SER B 325 -10.64 8.91 -23.39
N ARG B 326 -10.88 7.87 -24.18
CA ARG B 326 -9.87 6.84 -24.40
C ARG B 326 -8.59 7.41 -25.00
N VAL B 327 -8.70 8.22 -26.05
CA VAL B 327 -7.53 8.80 -26.66
C VAL B 327 -6.83 9.75 -25.69
N LYS B 328 -7.59 10.70 -25.15
CA LYS B 328 -7.07 11.68 -24.20
C LYS B 328 -6.30 11.00 -23.06
N TRP B 329 -6.88 9.94 -22.54
CA TRP B 329 -6.27 9.18 -21.46
C TRP B 329 -4.91 8.63 -21.88
N TYR B 330 -4.87 7.93 -23.01
CA TYR B 330 -3.60 7.38 -23.46
C TYR B 330 -2.56 8.48 -23.63
N ASP B 331 -2.99 9.64 -24.09
CA ASP B 331 -2.05 10.74 -24.29
C ASP B 331 -1.48 11.24 -22.98
N PHE B 332 -2.34 11.38 -21.97
CA PHE B 332 -1.92 11.87 -20.67
C PHE B 332 -1.06 10.87 -19.92
N ILE B 333 -1.50 9.62 -19.92
CA ILE B 333 -0.80 8.55 -19.22
C ILE B 333 0.61 8.33 -19.78
N SER B 334 0.70 8.17 -21.10
CA SER B 334 1.98 7.94 -21.74
C SER B 334 2.89 9.09 -21.38
N ASP B 335 2.28 10.27 -21.30
CA ASP B 335 3.00 11.50 -21.00
C ASP B 335 3.43 11.58 -19.54
N ALA B 336 2.57 11.15 -18.64
CA ALA B 336 2.88 11.20 -17.22
C ALA B 336 3.90 10.12 -16.82
N ALA B 337 3.98 9.06 -17.62
CA ALA B 337 4.88 7.96 -17.35
C ALA B 337 6.29 8.16 -17.91
N LEU B 338 6.37 8.39 -19.21
CA LEU B 338 7.66 8.57 -19.86
C LEU B 338 8.35 9.79 -19.25
N GLU B 339 7.56 10.83 -18.98
CA GLU B 339 8.06 12.06 -18.40
C GLU B 339 8.78 11.83 -17.07
N ARG B 340 8.43 10.74 -16.38
CA ARG B 340 9.04 10.40 -15.10
C ARG B 340 10.07 9.29 -15.23
N GLY B 341 10.31 8.85 -16.45
CA GLY B 341 11.29 7.80 -16.68
C GLY B 341 10.83 6.36 -16.52
N PHE B 342 9.53 6.13 -16.58
CA PHE B 342 9.01 4.77 -16.43
C PHE B 342 8.92 4.09 -17.78
N ALA B 343 9.12 2.78 -17.80
CA ALA B 343 9.00 2.02 -19.04
C ALA B 343 7.53 1.61 -19.12
N CYS B 344 7.06 1.30 -20.32
CA CYS B 344 5.66 0.92 -20.48
C CYS B 344 5.44 -0.11 -21.56
N SER B 345 4.43 -0.93 -21.32
CA SER B 345 4.02 -1.95 -22.27
C SER B 345 2.51 -1.84 -22.28
N VAL B 346 1.98 -1.15 -23.27
CA VAL B 346 0.53 -0.99 -23.36
C VAL B 346 -0.11 -2.36 -23.50
N TRP B 347 -1.29 -2.52 -22.91
CA TRP B 347 -1.99 -3.78 -22.98
C TRP B 347 -2.80 -3.92 -24.26
N ASP B 348 -2.48 -4.93 -25.04
CA ASP B 348 -3.18 -5.19 -26.29
C ASP B 348 -3.52 -6.68 -26.29
N ASN B 349 -4.80 -7.01 -26.19
CA ASN B 349 -5.21 -8.41 -26.18
C ASN B 349 -5.44 -8.96 -27.57
N GLY B 350 -5.24 -8.14 -28.58
CA GLY B 350 -5.43 -8.62 -29.94
C GLY B 350 -6.87 -8.67 -30.40
N VAL B 351 -7.78 -8.14 -29.59
CA VAL B 351 -9.21 -8.09 -29.91
C VAL B 351 -9.54 -6.64 -30.26
N PHE B 352 -9.52 -6.31 -31.56
CA PHE B 352 -9.77 -4.96 -32.04
C PHE B 352 -11.16 -4.37 -31.72
N GLY B 353 -12.08 -5.21 -31.29
CA GLY B 353 -13.42 -4.73 -30.96
C GLY B 353 -14.27 -5.83 -30.38
N ASN B 357 -15.88 -2.81 -23.99
CA ASN B 357 -14.55 -2.33 -24.39
C ASN B 357 -13.89 -3.31 -25.35
N ASP B 358 -12.98 -2.81 -26.18
CA ASP B 358 -12.28 -3.65 -27.14
C ASP B 358 -10.89 -4.06 -26.61
N MET B 359 -10.07 -3.05 -26.31
CA MET B 359 -8.72 -3.26 -25.78
C MET B 359 -7.68 -3.70 -26.82
N ALA B 360 -7.77 -3.17 -28.04
CA ALA B 360 -6.80 -3.54 -29.07
C ALA B 360 -6.39 -2.37 -29.96
N ILE B 361 -5.08 -2.25 -30.17
CA ILE B 361 -4.51 -1.18 -30.97
C ILE B 361 -3.98 -1.69 -32.29
N TYR B 362 -3.65 -2.97 -32.31
CA TYR B 362 -3.11 -3.63 -33.50
C TYR B 362 -4.07 -4.70 -34.00
N ASN B 363 -4.53 -4.55 -35.25
CA ASN B 363 -5.44 -5.53 -35.85
C ASN B 363 -4.56 -6.62 -36.49
N ARG B 364 -4.44 -7.74 -35.79
CA ARG B 364 -3.64 -8.88 -36.25
C ARG B 364 -4.09 -9.46 -37.59
N ASP B 365 -5.25 -9.03 -38.07
CA ASP B 365 -5.79 -9.50 -39.35
C ASP B 365 -5.44 -8.60 -40.53
N THR B 366 -5.87 -7.35 -40.46
CA THR B 366 -5.61 -6.38 -41.51
C THR B 366 -4.20 -5.82 -41.45
N ARG B 367 -3.48 -6.15 -40.38
CA ARG B 367 -2.12 -5.67 -40.17
C ARG B 367 -2.08 -4.14 -40.16
N THR B 368 -3.01 -3.54 -39.44
CA THR B 368 -3.06 -2.09 -39.34
C THR B 368 -3.17 -1.69 -37.89
N PHE B 369 -2.92 -0.41 -37.62
CA PHE B 369 -2.97 0.12 -36.27
C PHE B 369 -4.05 1.17 -36.11
N ASP B 370 -4.33 1.47 -34.84
CA ASP B 370 -5.29 2.49 -34.45
C ASP B 370 -4.37 3.71 -34.35
N THR B 371 -4.00 4.24 -35.51
CA THR B 371 -3.09 5.37 -35.61
C THR B 371 -3.31 6.52 -34.62
N GLU B 372 -4.57 6.84 -34.35
CA GLU B 372 -4.89 7.91 -33.42
C GLU B 372 -4.32 7.63 -32.03
N ILE B 373 -4.41 6.37 -31.60
CA ILE B 373 -3.89 5.97 -30.30
C ILE B 373 -2.38 5.85 -30.33
N LEU B 374 -1.83 5.28 -31.40
CA LEU B 374 -0.38 5.15 -31.50
C LEU B 374 0.27 6.51 -31.34
N ASN B 375 -0.33 7.52 -31.97
CA ASN B 375 0.19 8.88 -31.92
C ASN B 375 0.16 9.44 -30.50
N ALA B 376 -0.85 9.06 -29.73
CA ALA B 376 -0.98 9.52 -28.34
C ALA B 376 0.06 8.90 -27.42
N LEU B 377 0.51 7.70 -27.74
CA LEU B 377 1.50 6.99 -26.95
C LEU B 377 2.91 7.50 -27.24
N PHE B 378 3.05 8.32 -28.27
CA PHE B 378 4.35 8.86 -28.65
C PHE B 378 4.32 10.39 -28.77
C2 BGC C . -4.45 -0.97 19.00
C3 BGC C . -4.58 -1.15 20.54
C4 BGC C . -3.84 -2.45 20.94
C5 BGC C . -2.33 -2.28 20.51
C6 BGC C . -1.53 -3.57 20.85
C1 BGC C . -2.94 -0.84 18.66
O1 BGC C . -2.81 -0.66 17.25
O2 BGC C . -5.10 0.23 18.61
O3 BGC C . -5.95 -1.27 20.91
O4 BGC C . -3.98 -2.62 22.38
O5 BGC C . -2.23 -2.07 19.07
O6 BGC C . -1.54 -4.41 20.25
C2 BGC C . -3.87 -4.05 24.32
C3 BGC C . -4.17 -5.50 24.80
C4 BGC C . -5.70 -5.78 24.63
C5 BGC C . -6.03 -5.63 23.09
C6 BGC C . -7.53 -5.88 22.88
C1 BGC C . -4.28 -3.96 22.82
O2 BGC C . -2.46 -3.76 24.46
O3 BGC C . -3.81 -5.63 26.18
O4 BGC C . -6.00 -7.12 25.08
O5 BGC C . -5.71 -4.26 22.65
O6 BGC C . -7.84 -5.75 21.49
C2 BGC D . -3.69 -8.37 -16.96
C3 BGC D . -4.20 -9.04 -18.27
C4 BGC D . -5.73 -8.84 -18.36
C5 BGC D . -6.00 -7.26 -18.38
C6 BGC D . -7.52 -6.97 -18.44
C1 BGC D . -4.02 -6.86 -17.03
O1 BGC D . -3.56 -6.23 -15.83
O2 BGC D . -2.28 -8.55 -16.86
O3 BGC D . -3.93 -10.45 -18.24
O4 BGC D . -6.19 -9.49 -19.58
O5 BGC D . -5.48 -6.63 -17.15
O6 BGC D . -8.15 -7.22 -17.69
C2 BGC D . -8.07 -10.34 -20.82
C3 BGC D . -9.40 -11.10 -20.67
C4 BGC D . -9.11 -12.51 -20.08
C5 BGC D . -8.46 -12.32 -18.68
C6 BGC D . -8.17 -13.69 -18.07
C1 BGC D . -7.43 -10.22 -19.42
O2 BGC D . -8.29 -9.02 -21.37
O3 BGC D . -10.00 -11.23 -21.96
O4 BGC D . -10.36 -13.22 -19.94
O5 BGC D . -7.20 -11.57 -18.83
O6 BGC D . -7.58 -13.54 -16.78
#